data_7BAX
#
_entry.id   7BAX
#
_cell.length_a   114.940
_cell.length_b   114.940
_cell.length_c   59.150
_cell.angle_alpha   90.000
_cell.angle_beta   90.000
_cell.angle_gamma   120.000
#
_symmetry.space_group_name_H-M   'P 31 2 1'
#
loop_
_entity.id
_entity.type
_entity.pdbx_description
1 polymer 'LysM type receptor kinase'
2 non-polymer 2-acetamido-2-deoxy-beta-D-glucopyranose
#
_entity_poly.entity_id   1
_entity_poly.type   'polypeptide(L)'
_entity_poly.pdbx_seq_one_letter_code
;MLLVNQSHQGFNKEHTSKMVSAIVLYVLLAAAAHSAFAKQLSHTNGTNFSCPVDSPPSCDTYVTYFAQSPNFLTLTSISD
LFDTSPLSIARASNIKDENQNLVPGQLLLVPVTCACSGSNSFSNISHMIKEGESYYYLSTTSYENLTNWETVQDSNPNYN
PYLLPVGIKVVIPLFCKCPSNYHLNKGIEYLITYVWHNNDNVSLVASKFGVSTQDIISENNFSHQNFTAATNFPILIPVT
QLPSLSQSYSSSERKRSNHIHAHHHHHH
;
_entity_poly.pdbx_strand_id   A
#
# COMPACT_ATOMS: atom_id res chain seq x y z
N GLY A 46 -12.85 -7.41 -9.34
CA GLY A 46 -12.03 -6.30 -9.78
C GLY A 46 -10.56 -6.68 -9.94
N THR A 47 -9.69 -5.98 -9.20
CA THR A 47 -8.28 -6.36 -9.12
C THR A 47 -8.11 -7.65 -8.32
N ASN A 48 -7.46 -8.65 -8.92
CA ASN A 48 -7.20 -9.92 -8.25
C ASN A 48 -5.85 -9.82 -7.54
N PHE A 49 -5.85 -10.09 -6.23
CA PHE A 49 -4.64 -10.07 -5.41
C PHE A 49 -4.20 -11.49 -5.06
N SER A 50 -4.30 -12.38 -6.04
CA SER A 50 -3.97 -13.78 -5.88
C SER A 50 -2.54 -14.04 -6.31
N CYS A 51 -1.89 -14.97 -5.63
CA CYS A 51 -0.51 -15.33 -5.91
C CYS A 51 -0.37 -15.80 -7.34
N PRO A 52 0.47 -15.15 -8.16
CA PRO A 52 0.73 -15.68 -9.50
C PRO A 52 1.29 -17.09 -9.43
N VAL A 53 0.71 -17.98 -10.22
CA VAL A 53 1.10 -19.39 -10.20
C VAL A 53 2.47 -19.59 -10.84
N ASP A 54 2.85 -18.70 -11.76
CA ASP A 54 4.01 -18.90 -12.63
C ASP A 54 5.26 -18.15 -12.19
N SER A 55 5.12 -17.01 -11.50
CA SER A 55 6.24 -16.14 -11.13
C SER A 55 6.59 -16.30 -9.65
N PRO A 56 7.78 -15.87 -9.24
CA PRO A 56 8.26 -16.15 -7.86
C PRO A 56 7.29 -15.71 -6.78
N PRO A 57 7.33 -16.38 -5.62
CA PRO A 57 6.35 -16.09 -4.56
C PRO A 57 6.59 -14.78 -3.83
N SER A 58 7.81 -14.25 -3.85
CA SER A 58 8.14 -13.05 -3.09
C SER A 58 8.88 -12.07 -3.99
N CYS A 59 8.89 -10.81 -3.58
CA CYS A 59 9.28 -9.73 -4.48
C CYS A 59 9.33 -8.40 -3.72
N ASP A 60 9.84 -7.40 -4.40
CA ASP A 60 9.91 -6.06 -3.86
C ASP A 60 8.99 -5.18 -4.69
N THR A 61 8.09 -4.45 -4.02
CA THR A 61 7.31 -3.41 -4.68
C THR A 61 7.13 -2.30 -3.67
N TYR A 62 6.14 -1.46 -3.92
CA TYR A 62 5.89 -0.32 -3.06
C TYR A 62 4.40 -0.21 -2.84
N VAL A 63 4.04 0.38 -1.70
CA VAL A 63 2.67 0.77 -1.46
C VAL A 63 2.64 2.29 -1.34
N THR A 64 1.48 2.86 -1.66
CA THR A 64 1.31 4.31 -1.68
C THR A 64 0.78 4.76 -0.33
N TYR A 65 1.45 5.73 0.27
CA TYR A 65 0.98 6.30 1.52
C TYR A 65 1.00 7.82 1.42
N PHE A 66 0.00 8.47 2.01
CA PHE A 66 -0.07 9.92 2.00
C PHE A 66 0.21 10.45 3.39
N ALA A 67 0.98 11.54 3.46
CA ALA A 67 1.14 12.21 4.73
C ALA A 67 -0.24 12.56 5.32
N GLN A 68 -0.38 12.31 6.62
CA GLN A 68 -1.61 12.58 7.38
C GLN A 68 -1.31 13.60 8.46
N SER A 69 -2.14 14.66 8.54
CA SER A 69 -1.85 15.83 9.37
C SER A 69 -1.92 15.61 10.89
N PRO A 70 -2.72 14.66 11.43
CA PRO A 70 -2.63 14.47 12.89
C PRO A 70 -1.22 14.09 13.36
N ASN A 71 -0.64 12.99 12.89
CA ASN A 71 0.67 12.58 13.39
C ASN A 71 1.69 12.29 12.30
N PHE A 72 1.28 11.69 11.17
CA PHE A 72 2.22 11.24 10.15
C PHE A 72 2.57 12.38 9.21
N LEU A 73 3.48 13.25 9.66
CA LEU A 73 4.06 14.27 8.80
C LEU A 73 5.58 14.26 8.87
N THR A 74 6.17 13.20 9.41
CA THR A 74 7.60 12.99 9.45
C THR A 74 7.93 11.76 8.62
N LEU A 75 9.18 11.64 8.21
CA LEU A 75 9.56 10.35 7.66
C LEU A 75 9.62 9.31 8.77
N THR A 76 10.03 9.75 9.96
CA THR A 76 10.08 8.87 11.12
C THR A 76 8.71 8.23 11.41
N SER A 77 7.64 9.04 11.38
CA SER A 77 6.30 8.50 11.56
C SER A 77 6.05 7.31 10.63
N ILE A 78 6.33 7.48 9.34
CA ILE A 78 5.92 6.48 8.37
C ILE A 78 6.87 5.28 8.41
N SER A 79 8.16 5.53 8.66
CA SER A 79 9.11 4.43 8.78
C SER A 79 8.78 3.55 9.99
N ASP A 80 8.34 4.16 11.10
CA ASP A 80 7.88 3.34 12.21
C ASP A 80 6.60 2.61 11.87
N LEU A 81 5.72 3.25 11.10
CA LEU A 81 4.51 2.55 10.71
C LEU A 81 4.81 1.36 9.80
N PHE A 82 5.91 1.41 9.04
CA PHE A 82 6.15 0.41 8.00
C PHE A 82 7.41 -0.39 8.21
N ASP A 83 8.19 -0.11 9.26
CA ASP A 83 9.35 -0.92 9.63
C ASP A 83 10.45 -0.89 8.56
N THR A 84 10.63 0.27 7.92
CA THR A 84 11.70 0.47 6.95
C THR A 84 12.45 1.75 7.28
N SER A 85 13.65 1.90 6.72
CA SER A 85 14.44 3.11 6.95
C SER A 85 13.77 4.34 6.32
N PRO A 86 13.98 5.52 6.91
CA PRO A 86 13.45 6.73 6.24
C PRO A 86 14.08 6.97 4.88
N LEU A 87 15.37 6.66 4.71
CA LEU A 87 15.98 6.87 3.41
C LEU A 87 15.34 5.99 2.33
N SER A 88 14.97 4.75 2.67
CA SER A 88 14.32 3.92 1.65
C SER A 88 13.05 4.60 1.14
N ILE A 89 12.28 5.20 2.05
CA ILE A 89 11.08 5.92 1.65
C ILE A 89 11.45 7.15 0.83
N ALA A 90 12.44 7.91 1.29
CA ALA A 90 12.79 9.14 0.59
C ALA A 90 13.30 8.85 -0.81
N ARG A 91 14.08 7.78 -0.95
CA ARG A 91 14.58 7.34 -2.24
C ARG A 91 13.44 6.89 -3.13
N ALA A 92 12.48 6.17 -2.58
CA ALA A 92 11.35 5.72 -3.38
C ALA A 92 10.37 6.84 -3.67
N SER A 93 10.41 7.95 -2.93
CA SER A 93 9.44 9.03 -3.11
C SER A 93 10.06 10.28 -3.73
N ASN A 94 11.31 10.19 -4.17
CA ASN A 94 12.02 11.31 -4.79
C ASN A 94 12.19 12.49 -3.84
N ILE A 95 12.16 12.24 -2.53
CA ILE A 95 12.42 13.28 -1.54
C ILE A 95 13.93 13.43 -1.41
N LYS A 96 14.43 14.64 -1.65
CA LYS A 96 15.87 14.88 -1.64
C LYS A 96 16.39 15.38 -0.30
N ASP A 97 15.52 15.50 0.71
CA ASP A 97 15.95 15.85 2.06
C ASP A 97 15.11 15.04 3.04
N GLU A 98 15.76 14.14 3.78
CA GLU A 98 15.08 13.22 4.67
C GLU A 98 14.55 13.87 5.94
N ASN A 99 14.90 15.12 6.20
CA ASN A 99 14.51 15.78 7.44
C ASN A 99 13.39 16.78 7.27
N GLN A 100 13.04 17.11 6.03
CA GLN A 100 11.94 18.04 5.79
C GLN A 100 10.63 17.45 6.27
N ASN A 101 9.80 18.28 6.88
CA ASN A 101 8.44 17.88 7.18
C ASN A 101 7.70 17.54 5.88
N LEU A 102 6.78 16.60 5.95
CA LEU A 102 5.91 16.30 4.82
C LEU A 102 4.64 17.14 4.93
N VAL A 103 4.20 17.69 3.80
CA VAL A 103 2.98 18.49 3.78
C VAL A 103 1.78 17.55 3.76
N PRO A 104 0.65 17.93 4.34
CA PRO A 104 -0.53 17.07 4.30
C PRO A 104 -0.90 16.61 2.89
N GLY A 105 -1.17 15.32 2.75
CA GLY A 105 -1.56 14.74 1.49
C GLY A 105 -0.42 14.47 0.53
N GLN A 106 0.81 14.77 0.93
CA GLN A 106 1.95 14.48 0.08
C GLN A 106 2.01 12.99 -0.23
N LEU A 107 2.13 12.66 -1.51
CA LEU A 107 2.27 11.27 -1.91
C LEU A 107 3.64 10.73 -1.55
N LEU A 108 3.68 9.48 -1.11
CA LEU A 108 4.92 8.79 -0.82
C LEU A 108 4.82 7.35 -1.29
N LEU A 109 5.96 6.82 -1.72
CA LEU A 109 6.08 5.40 -2.03
C LEU A 109 6.91 4.75 -0.94
N VAL A 110 6.33 3.79 -0.24
CA VAL A 110 7.01 3.04 0.79
C VAL A 110 7.42 1.70 0.20
N PRO A 111 8.70 1.35 0.18
CA PRO A 111 9.09 0.01 -0.28
C PRO A 111 8.61 -1.04 0.70
N VAL A 112 8.00 -2.09 0.17
CA VAL A 112 7.63 -3.25 0.95
C VAL A 112 8.12 -4.49 0.22
N THR A 113 8.36 -5.53 0.99
CA THR A 113 8.66 -6.85 0.47
C THR A 113 7.40 -7.68 0.65
N CYS A 114 6.98 -8.38 -0.41
CA CYS A 114 5.63 -8.94 -0.54
C CYS A 114 5.72 -10.39 -1.00
N ALA A 115 4.97 -11.28 -0.31
CA ALA A 115 5.10 -12.72 -0.52
C ALA A 115 3.72 -13.39 -0.52
N CYS A 116 3.74 -14.73 -0.66
CA CYS A 116 2.53 -15.54 -0.69
C CYS A 116 2.17 -15.98 0.72
N SER A 117 0.89 -15.84 1.08
CA SER A 117 0.39 -16.52 2.27
C SER A 117 -0.82 -17.33 1.80
N GLY A 118 -0.56 -18.54 1.31
CA GLY A 118 -1.58 -19.29 0.58
C GLY A 118 -1.73 -18.76 -0.84
N SER A 119 -2.99 -18.61 -1.28
CA SER A 119 -3.32 -18.22 -2.64
C SER A 119 -3.55 -16.71 -2.77
N ASN A 120 -3.04 -15.91 -1.84
CA ASN A 120 -3.15 -14.47 -1.92
C ASN A 120 -1.85 -13.81 -1.46
N SER A 121 -1.54 -12.67 -2.07
CA SER A 121 -0.29 -11.95 -1.86
C SER A 121 -0.48 -10.93 -0.75
N PHE A 122 0.45 -10.91 0.20
CA PHE A 122 0.44 -9.96 1.31
C PHE A 122 1.86 -9.54 1.66
N SER A 123 1.96 -8.42 2.38
CA SER A 123 3.23 -8.01 3.00
C SER A 123 2.96 -7.63 4.46
N ASN A 124 3.37 -8.49 5.40
CA ASN A 124 3.03 -8.30 6.81
C ASN A 124 3.97 -7.32 7.49
N ILE A 125 3.42 -6.42 8.30
CA ILE A 125 4.21 -5.52 9.14
C ILE A 125 3.90 -5.86 10.57
N SER A 126 4.92 -6.21 11.35
CA SER A 126 4.63 -6.47 12.76
C SER A 126 4.63 -5.12 13.46
N HIS A 127 3.44 -4.68 13.89
CA HIS A 127 3.22 -3.39 14.53
C HIS A 127 2.96 -3.61 16.01
N MET A 128 3.67 -2.85 16.84
CA MET A 128 3.47 -2.90 18.27
C MET A 128 2.38 -1.92 18.65
N ILE A 129 1.52 -2.32 19.58
CA ILE A 129 0.32 -1.57 19.90
C ILE A 129 0.67 -0.39 20.80
N LYS A 130 0.19 0.79 20.41
CA LYS A 130 0.29 1.99 21.22
C LYS A 130 -1.06 2.24 21.90
N GLU A 131 -1.13 3.31 22.69
CA GLU A 131 -2.27 3.49 23.60
C GLU A 131 -3.54 3.83 22.82
N GLY A 132 -4.60 3.05 23.05
CA GLY A 132 -5.88 3.29 22.41
C GLY A 132 -5.89 3.07 20.90
N GLU A 133 -5.59 1.85 20.48
CA GLU A 133 -5.59 1.49 19.07
C GLU A 133 -6.43 0.24 18.88
N SER A 134 -7.35 0.28 17.92
CA SER A 134 -8.13 -0.88 17.52
C SER A 134 -7.59 -1.43 16.20
N TYR A 135 -8.08 -2.61 15.81
CA TYR A 135 -7.83 -3.04 14.43
C TYR A 135 -8.42 -2.05 13.46
N TYR A 136 -9.65 -1.59 13.73
CA TYR A 136 -10.33 -0.69 12.81
C TYR A 136 -9.59 0.63 12.67
N TYR A 137 -9.27 1.27 13.80
CA TYR A 137 -8.47 2.50 13.74
C TYR A 137 -7.19 2.25 12.95
N LEU A 138 -6.40 1.28 13.41
CA LEU A 138 -5.11 0.99 12.79
C LEU A 138 -5.21 0.86 11.28
N SER A 139 -6.27 0.21 10.78
CA SER A 139 -6.29 -0.12 9.37
C SER A 139 -7.06 0.87 8.51
N THR A 140 -7.87 1.76 9.10
CA THR A 140 -8.54 2.78 8.29
C THR A 140 -7.92 4.17 8.39
N THR A 141 -7.13 4.45 9.42
CA THR A 141 -6.39 5.71 9.48
C THR A 141 -4.88 5.48 9.50
N SER A 142 -4.36 4.70 10.43
CA SER A 142 -2.91 4.49 10.49
C SER A 142 -2.40 3.93 9.16
N TYR A 143 -2.85 2.74 8.78
CA TYR A 143 -2.39 2.14 7.55
C TYR A 143 -3.21 2.56 6.34
N GLU A 144 -4.07 3.57 6.51
CA GLU A 144 -4.62 4.33 5.39
C GLU A 144 -5.33 3.43 4.39
N ASN A 145 -6.07 2.45 4.92
CA ASN A 145 -6.90 1.52 4.16
C ASN A 145 -6.08 0.62 3.23
N LEU A 146 -4.77 0.46 3.50
CA LEU A 146 -3.96 -0.52 2.78
C LEU A 146 -4.16 -1.94 3.33
N THR A 147 -5.15 -2.13 4.19
CA THR A 147 -5.55 -3.41 4.76
C THR A 147 -6.88 -3.20 5.48
N ASN A 148 -7.74 -4.21 5.44
CA ASN A 148 -9.04 -4.11 6.09
C ASN A 148 -9.02 -4.87 7.42
N TRP A 149 -9.94 -4.47 8.30
CA TRP A 149 -10.03 -5.09 9.62
C TRP A 149 -10.11 -6.61 9.51
N GLU A 150 -10.81 -7.11 8.49
CA GLU A 150 -11.03 -8.54 8.34
C GLU A 150 -9.71 -9.30 8.24
N THR A 151 -8.94 -9.04 7.18
CA THR A 151 -7.71 -9.83 6.97
C THR A 151 -6.74 -9.68 8.13
N VAL A 152 -6.72 -8.50 8.77
CA VAL A 152 -5.90 -8.30 9.96
C VAL A 152 -6.29 -9.31 11.04
N GLN A 153 -7.55 -9.26 11.50
CA GLN A 153 -7.89 -10.19 12.58
C GLN A 153 -8.02 -11.63 12.09
N ASP A 154 -7.87 -11.86 10.78
CA ASP A 154 -7.83 -13.25 10.31
C ASP A 154 -6.43 -13.83 10.44
N SER A 155 -5.38 -13.04 10.20
CA SER A 155 -4.02 -13.50 10.45
C SER A 155 -3.49 -13.06 11.81
N ASN A 156 -4.34 -12.55 12.69
CA ASN A 156 -3.96 -12.27 14.09
C ASN A 156 -4.97 -12.94 15.01
N PRO A 157 -4.96 -14.27 15.09
CA PRO A 157 -5.84 -14.98 16.02
C PRO A 157 -5.27 -14.86 17.42
N ASN A 158 -5.95 -15.51 18.38
CA ASN A 158 -5.57 -15.49 19.78
C ASN A 158 -5.76 -14.13 20.44
N TYR A 159 -6.59 -13.25 19.87
CA TYR A 159 -6.67 -11.88 20.37
C TYR A 159 -8.10 -11.38 20.39
N ASN A 160 -8.34 -10.38 21.24
CA ASN A 160 -9.62 -9.70 21.34
C ASN A 160 -9.55 -8.40 20.57
N PRO A 161 -10.28 -8.25 19.47
CA PRO A 161 -10.09 -7.08 18.58
C PRO A 161 -10.16 -5.71 19.23
N TYR A 162 -10.70 -5.59 20.44
CA TYR A 162 -10.73 -4.30 21.10
C TYR A 162 -9.89 -4.24 22.38
N LEU A 163 -9.71 -5.36 23.08
CA LEU A 163 -8.80 -5.42 24.23
C LEU A 163 -7.41 -5.82 23.71
N LEU A 164 -6.71 -4.81 23.18
CA LEU A 164 -5.35 -5.00 22.72
C LEU A 164 -4.40 -4.45 23.78
N PRO A 165 -3.60 -5.30 24.43
CA PRO A 165 -2.67 -4.81 25.46
C PRO A 165 -1.49 -4.10 24.81
N VAL A 166 -1.25 -2.85 25.22
CA VAL A 166 -0.17 -2.03 24.68
C VAL A 166 1.16 -2.76 24.79
N GLY A 167 1.80 -3.01 23.66
CA GLY A 167 3.06 -3.72 23.60
C GLY A 167 3.03 -5.13 23.01
N ILE A 168 1.95 -5.51 22.34
CA ILE A 168 1.84 -6.83 21.72
C ILE A 168 2.13 -6.68 20.23
N LYS A 169 2.68 -7.74 19.66
CA LYS A 169 2.93 -7.78 18.22
C LYS A 169 1.64 -8.16 17.49
N VAL A 170 1.15 -7.27 16.63
CA VAL A 170 0.04 -7.61 15.73
C VAL A 170 0.54 -7.43 14.30
N VAL A 171 0.33 -8.45 13.46
CA VAL A 171 0.81 -8.37 12.08
C VAL A 171 -0.26 -7.73 11.20
N ILE A 172 0.17 -6.77 10.39
CA ILE A 172 -0.67 -5.88 9.61
C ILE A 172 -0.42 -6.26 8.16
N PRO A 173 -1.23 -7.12 7.57
CA PRO A 173 -0.92 -7.58 6.21
C PRO A 173 -1.37 -6.57 5.18
N LEU A 174 -0.42 -5.86 4.60
CA LEU A 174 -0.75 -4.94 3.51
C LEU A 174 -1.02 -5.73 2.23
N PHE A 175 -1.91 -5.18 1.41
CA PHE A 175 -2.18 -5.73 0.09
C PHE A 175 -1.06 -5.35 -0.88
N CYS A 176 -0.80 -6.26 -1.81
CA CYS A 176 0.26 -6.15 -2.80
C CYS A 176 0.11 -7.34 -3.73
N LYS A 177 0.49 -7.16 -5.00
CA LYS A 177 0.59 -8.31 -5.88
C LYS A 177 1.93 -8.33 -6.54
N CYS A 178 2.30 -9.52 -7.01
CA CYS A 178 3.56 -9.48 -7.67
C CYS A 178 3.48 -9.94 -9.10
N PRO A 179 4.32 -9.36 -9.98
CA PRO A 179 4.19 -9.54 -11.43
C PRO A 179 3.93 -10.97 -11.83
N SER A 180 2.79 -11.22 -12.48
CA SER A 180 2.63 -12.48 -13.19
C SER A 180 3.71 -12.59 -14.26
N ASN A 181 3.84 -13.79 -14.82
CA ASN A 181 4.74 -13.95 -15.95
C ASN A 181 4.41 -12.97 -17.06
N TYR A 182 3.10 -12.73 -17.26
CA TYR A 182 2.67 -11.85 -18.34
C TYR A 182 3.02 -10.41 -18.02
N HIS A 183 2.95 -10.03 -16.74
CA HIS A 183 3.43 -8.71 -16.33
C HIS A 183 4.88 -8.51 -16.76
N LEU A 184 5.72 -9.48 -16.41
CA LEU A 184 7.16 -9.36 -16.65
C LEU A 184 7.49 -9.39 -18.14
N ASN A 185 6.73 -10.12 -18.95
CA ASN A 185 6.99 -10.14 -20.38
C ASN A 185 6.61 -8.82 -21.04
N LYS A 186 5.74 -8.05 -20.41
CA LYS A 186 5.37 -6.71 -20.87
C LYS A 186 6.45 -5.70 -20.58
N GLY A 187 7.31 -6.02 -19.61
CA GLY A 187 8.26 -5.08 -19.07
C GLY A 187 7.86 -4.47 -17.75
N ILE A 188 6.74 -4.88 -17.15
CA ILE A 188 6.34 -4.35 -15.84
C ILE A 188 7.36 -4.78 -14.79
N GLU A 189 7.90 -3.79 -14.06
CA GLU A 189 8.78 -4.08 -12.93
C GLU A 189 8.04 -4.08 -11.60
N TYR A 190 6.96 -3.30 -11.46
CA TYR A 190 6.30 -3.24 -10.17
C TYR A 190 4.79 -3.07 -10.32
N LEU A 191 4.05 -3.70 -9.42
CA LEU A 191 2.63 -3.43 -9.26
C LEU A 191 2.49 -2.68 -7.94
N ILE A 192 2.46 -1.35 -8.02
CA ILE A 192 2.35 -0.50 -6.85
C ILE A 192 0.92 -0.56 -6.33
N THR A 193 0.79 -0.81 -5.03
CA THR A 193 -0.51 -0.70 -4.40
C THR A 193 -0.91 0.77 -4.29
N TYR A 194 -2.18 1.04 -4.63
CA TYR A 194 -2.78 2.38 -4.51
C TYR A 194 -4.21 2.22 -4.06
N VAL A 195 -4.64 3.03 -3.10
CA VAL A 195 -5.98 2.90 -2.53
C VAL A 195 -6.92 3.81 -3.30
N TRP A 196 -7.76 3.22 -4.15
CA TRP A 196 -8.71 4.00 -4.90
C TRP A 196 -9.85 4.44 -3.99
N HIS A 197 -10.06 5.75 -3.92
CA HIS A 197 -11.21 6.37 -3.28
C HIS A 197 -12.22 6.79 -4.35
N ASN A 198 -13.43 7.13 -3.89
CA ASN A 198 -14.45 7.64 -4.79
C ASN A 198 -14.02 8.90 -5.54
N ASN A 199 -13.04 9.63 -5.00
CA ASN A 199 -12.67 10.94 -5.50
C ASN A 199 -11.64 10.92 -6.62
N ASP A 200 -10.76 9.91 -6.66
CA ASP A 200 -9.70 9.89 -7.67
C ASP A 200 -10.28 9.78 -9.07
N ASN A 201 -9.66 10.49 -10.01
CA ASN A 201 -9.90 10.21 -11.42
C ASN A 201 -8.60 9.70 -12.04
N VAL A 202 -8.76 8.87 -13.07
CA VAL A 202 -7.63 8.10 -13.57
C VAL A 202 -6.59 9.01 -14.19
N SER A 203 -6.99 10.11 -14.83
CA SER A 203 -6.00 10.93 -15.52
C SER A 203 -5.04 11.55 -14.52
N LEU A 204 -5.54 11.99 -13.36
CA LEU A 204 -4.63 12.60 -12.40
C LEU A 204 -3.66 11.56 -11.84
N VAL A 205 -4.17 10.41 -11.39
CA VAL A 205 -3.31 9.35 -10.86
C VAL A 205 -2.33 8.88 -11.91
N ALA A 206 -2.80 8.71 -13.15
CA ALA A 206 -1.95 8.24 -14.23
C ALA A 206 -0.81 9.20 -14.49
N SER A 207 -1.11 10.51 -14.53
CA SER A 207 -0.02 11.46 -14.74
C SER A 207 0.87 11.56 -13.51
N LYS A 208 0.34 11.23 -12.33
CA LYS A 208 1.14 11.22 -11.10
C LYS A 208 2.14 10.08 -11.12
N PHE A 209 1.72 8.89 -11.53
CA PHE A 209 2.58 7.72 -11.61
C PHE A 209 3.22 7.55 -12.97
N GLY A 210 2.92 8.44 -13.91
CA GLY A 210 3.51 8.37 -15.24
C GLY A 210 3.15 7.12 -16.02
N VAL A 211 1.86 6.81 -16.11
CA VAL A 211 1.36 5.68 -16.89
C VAL A 211 0.15 6.16 -17.70
N SER A 212 -0.33 5.30 -18.60
CA SER A 212 -1.55 5.59 -19.32
C SER A 212 -2.75 5.44 -18.38
N THR A 213 -3.85 6.11 -18.73
CA THR A 213 -5.10 5.79 -18.05
C THR A 213 -5.50 4.34 -18.33
N GLN A 214 -5.35 3.92 -19.60
CA GLN A 214 -5.70 2.55 -19.98
C GLN A 214 -4.91 1.52 -19.18
N ASP A 215 -3.63 1.79 -18.91
CA ASP A 215 -2.85 0.87 -18.10
C ASP A 215 -3.57 0.57 -16.79
N ILE A 216 -3.93 1.63 -16.07
CA ILE A 216 -4.65 1.49 -14.81
C ILE A 216 -5.98 0.79 -15.01
N ILE A 217 -6.74 1.25 -16.00
CA ILE A 217 -8.09 0.75 -16.21
C ILE A 217 -8.07 -0.76 -16.45
N SER A 218 -7.18 -1.23 -17.32
CA SER A 218 -7.21 -2.66 -17.65
C SER A 218 -6.54 -3.50 -16.57
N GLU A 219 -5.46 -3.01 -15.96
CA GLU A 219 -4.86 -3.76 -14.86
C GLU A 219 -5.86 -3.99 -13.74
N ASN A 220 -6.80 -3.07 -13.55
CA ASN A 220 -7.75 -3.24 -12.46
C ASN A 220 -9.15 -3.62 -12.94
N ASN A 221 -9.26 -4.09 -14.18
CA ASN A 221 -10.54 -4.35 -14.84
C ASN A 221 -11.57 -3.31 -14.44
N PHE A 222 -11.20 -2.06 -14.56
CA PHE A 222 -12.06 -0.93 -14.36
C PHE A 222 -13.06 -0.83 -15.42
N SER A 223 -13.33 -1.75 -16.36
CA SER A 223 -14.39 -1.55 -17.37
C SER A 223 -15.75 -2.15 -17.00
N HIS A 224 -15.82 -3.01 -15.97
CA HIS A 224 -17.05 -3.43 -15.29
C HIS A 224 -16.74 -3.57 -13.79
N GLN A 225 -16.89 -2.47 -13.09
CA GLN A 225 -16.44 -2.28 -11.72
C GLN A 225 -17.32 -1.18 -11.14
N ASN A 226 -17.81 -1.44 -9.95
CA ASN A 226 -18.90 -0.68 -9.37
C ASN A 226 -18.28 0.34 -8.42
N PHE A 227 -18.19 1.59 -8.88
CA PHE A 227 -17.80 2.71 -8.02
C PHE A 227 -18.97 3.26 -7.21
N THR A 228 -20.20 2.79 -7.49
CA THR A 228 -21.35 3.14 -6.65
C THR A 228 -21.02 2.97 -5.17
N ALA A 229 -20.47 1.81 -4.80
CA ALA A 229 -20.16 1.56 -3.40
C ALA A 229 -19.15 2.59 -2.90
N ALA A 230 -19.51 3.29 -1.82
CA ALA A 230 -18.67 4.33 -1.21
C ALA A 230 -17.37 3.77 -0.57
N THR A 231 -17.14 2.47 -0.77
CA THR A 231 -15.97 1.78 -0.23
C THR A 231 -14.67 2.32 -0.86
N ASN A 232 -13.58 2.15 -0.11
CA ASN A 232 -12.23 2.34 -0.61
C ASN A 232 -11.64 0.98 -0.94
N PHE A 233 -11.00 0.88 -2.10
CA PHE A 233 -10.47 -0.45 -2.40
C PHE A 233 -9.08 -0.37 -2.99
N PRO A 234 -8.24 -1.36 -2.75
CA PRO A 234 -6.89 -1.33 -3.30
C PRO A 234 -6.90 -1.71 -4.77
N ILE A 235 -5.97 -1.10 -5.50
CA ILE A 235 -5.76 -1.34 -6.92
C ILE A 235 -4.26 -1.35 -7.16
N LEU A 236 -3.89 -1.75 -8.37
CA LEU A 236 -2.48 -1.87 -8.72
C LEU A 236 -2.19 -0.95 -9.89
N ILE A 237 -1.25 -0.03 -9.70
CA ILE A 237 -0.64 0.72 -10.78
C ILE A 237 0.50 -0.14 -11.34
N PRO A 238 0.47 -0.51 -12.61
CA PRO A 238 1.64 -1.21 -13.18
C PRO A 238 2.64 -0.20 -13.71
N VAL A 239 3.90 -0.33 -13.30
CA VAL A 239 4.96 0.59 -13.70
C VAL A 239 6.17 -0.21 -14.18
N THR A 240 6.71 0.22 -15.32
CA THR A 240 7.92 -0.37 -15.91
C THR A 240 9.17 -0.03 -15.12
N GLN A 241 9.12 1.04 -14.34
CA GLN A 241 10.21 1.47 -13.47
C GLN A 241 9.59 2.30 -12.35
N LEU A 242 10.34 2.43 -11.27
CA LEU A 242 9.93 3.36 -10.23
C LEU A 242 9.76 4.76 -10.82
N PRO A 243 8.63 5.42 -10.59
CA PRO A 243 8.42 6.74 -11.21
C PRO A 243 9.05 7.87 -10.41
N SER A 244 9.30 8.98 -11.11
CA SER A 244 10.01 10.13 -10.54
C SER A 244 8.98 11.12 -9.98
N LEU A 245 8.54 10.84 -8.76
CA LEU A 245 7.45 11.60 -8.18
C LEU A 245 7.78 13.08 -8.08
N SER A 246 6.75 13.90 -8.23
CA SER A 246 6.85 15.34 -8.06
C SER A 246 7.60 15.70 -6.77
N GLN A 247 8.25 16.85 -6.79
CA GLN A 247 8.76 17.47 -5.58
C GLN A 247 7.63 18.25 -4.91
N SER A 248 7.18 17.75 -3.75
CA SER A 248 6.08 18.33 -2.96
C SER A 248 4.97 18.96 -3.80
#